data_4PMT
#
_entry.id   4PMT
#
_cell.length_a   75.700
_cell.length_b   75.700
_cell.length_c   112.680
_cell.angle_alpha   90.000
_cell.angle_beta   90.000
_cell.angle_gamma   120.000
#
_symmetry.space_group_name_H-M   'P 64'
#
loop_
_entity.id
_entity.type
_entity.pdbx_description
1 polymer 'High affinity nerve growth factor receptor'
2 non-polymer N~4~-[4-(morpholin-4-yl)phenyl]-N~6~-(pyridin-3-ylmethyl)pyrido[3,2-d]pyrimidine-4,6-diamine
3 non-polymer 'CHLORIDE ION'
4 non-polymer 'ACETATE ION'
5 water water
#
_entity_poly.entity_id   1
_entity_poly.type   'polypeptide(L)'
_entity_poly.pdbx_seq_one_letter_code
;CVHHIKRRDIVLKWELGEGAFGKVFLAECHNLLPEQDKMLVAVKALKEASESARQDFQREAELLTMLQHQHIVRFFGVCT
EGRPLLMVFEYMRHGDLNRFLRSHGPDAKLLAGGEDVAPGPLGLGQLLAVASQVAAGMVYLAGLHFVHRDLATRNCLVGQ
GLVVKIGDFGMSRDIYSTDYYRVGGRTMLPIRWMPPESILYRKFTTESDVWSFGVVLWEIFTYGKQPWYQLSNTEAIDCI
TQGRELERPRACPPEVYAIMRGCWQREPQQRHSIKDVHARLQALAQAHHHH
;
_entity_poly.pdbx_strand_id   A
#
# COMPACT_ATOMS: atom_id res chain seq x y z
N CYS A 1 8.88 -19.82 -14.24
CA CYS A 1 9.11 -19.77 -12.80
C CYS A 1 7.80 -19.70 -12.01
N VAL A 2 6.78 -19.07 -12.60
CA VAL A 2 5.43 -18.90 -12.03
C VAL A 2 4.76 -20.27 -11.88
N HIS A 3 4.26 -20.59 -10.68
CA HIS A 3 3.58 -21.85 -10.38
C HIS A 3 2.17 -21.84 -11.00
N HIS A 4 1.81 -22.91 -11.73
CA HIS A 4 0.49 -23.01 -12.36
C HIS A 4 -0.44 -23.91 -11.54
N ILE A 5 -1.67 -23.42 -11.31
CA ILE A 5 -2.69 -24.12 -10.52
C ILE A 5 -3.84 -24.54 -11.46
N LYS A 6 -4.35 -25.77 -11.30
CA LYS A 6 -5.47 -26.30 -12.09
C LYS A 6 -6.78 -25.60 -11.67
N ARG A 7 -7.60 -25.16 -12.65
CA ARG A 7 -8.89 -24.48 -12.39
C ARG A 7 -9.81 -25.25 -11.44
N ARG A 8 -9.86 -26.60 -11.58
CA ARG A 8 -10.64 -27.54 -10.78
C ARG A 8 -10.26 -27.45 -9.28
N ASP A 9 -9.00 -27.07 -8.99
CA ASP A 9 -8.52 -26.93 -7.61
C ASP A 9 -8.90 -25.56 -6.98
N ILE A 10 -9.49 -24.64 -7.78
CA ILE A 10 -9.95 -23.31 -7.34
C ILE A 10 -11.50 -23.25 -7.28
N VAL A 11 -12.05 -23.18 -6.06
CA VAL A 11 -13.50 -23.08 -5.84
C VAL A 11 -13.81 -21.67 -5.28
N LEU A 12 -14.39 -20.80 -6.13
CA LEU A 12 -14.76 -19.43 -5.76
C LEU A 12 -15.91 -19.46 -4.78
N LYS A 13 -15.76 -18.75 -3.64
CA LYS A 13 -16.78 -18.73 -2.60
C LYS A 13 -17.70 -17.54 -2.69
N TRP A 14 -17.12 -16.32 -2.73
CA TRP A 14 -17.85 -15.07 -2.83
C TRP A 14 -16.93 -13.90 -3.05
N GLU A 15 -17.43 -12.89 -3.72
CA GLU A 15 -16.65 -11.68 -4.00
C GLU A 15 -16.37 -10.91 -2.70
N LEU A 16 -15.09 -10.48 -2.54
CA LEU A 16 -14.60 -9.69 -1.39
C LEU A 16 -14.69 -8.19 -1.75
N GLY A 17 -14.48 -7.92 -3.04
CA GLY A 17 -14.52 -6.60 -3.63
C GLY A 17 -14.17 -6.64 -5.09
N GLU A 18 -14.34 -5.52 -5.80
CA GLU A 18 -14.03 -5.39 -7.23
C GLU A 18 -13.34 -4.06 -7.47
N GLY A 19 -12.32 -4.08 -8.32
CA GLY A 19 -11.55 -2.89 -8.68
C GLY A 19 -11.77 -2.50 -10.11
N ALA A 20 -10.73 -1.92 -10.74
CA ALA A 20 -10.78 -1.45 -12.12
C ALA A 20 -10.56 -2.56 -13.17
N PHE A 21 -9.34 -3.15 -13.23
CA PHE A 21 -8.98 -4.18 -14.21
C PHE A 21 -9.23 -5.64 -13.75
N GLY A 22 -10.01 -5.84 -12.69
CA GLY A 22 -10.32 -7.17 -12.17
C GLY A 22 -11.18 -7.24 -10.93
N LYS A 23 -11.55 -8.47 -10.53
CA LYS A 23 -12.37 -8.75 -9.35
C LYS A 23 -11.57 -9.54 -8.31
N VAL A 24 -11.98 -9.55 -7.03
CA VAL A 24 -11.28 -10.28 -5.97
C VAL A 24 -12.27 -11.14 -5.24
N PHE A 25 -12.02 -12.45 -5.27
CA PHE A 25 -12.90 -13.40 -4.63
C PHE A 25 -12.22 -14.13 -3.48
N LEU A 26 -13.01 -14.51 -2.48
CA LEU A 26 -12.55 -15.35 -1.41
C LEU A 26 -12.73 -16.73 -2.06
N ALA A 27 -11.73 -17.60 -1.94
CA ALA A 27 -11.82 -18.91 -2.54
C ALA A 27 -11.19 -19.95 -1.68
N GLU A 28 -11.40 -21.20 -2.05
CA GLU A 28 -10.78 -22.34 -1.43
C GLU A 28 -9.90 -22.95 -2.50
N CYS A 29 -8.66 -23.26 -2.15
CA CYS A 29 -7.71 -23.86 -3.08
C CYS A 29 -7.25 -25.21 -2.58
N HIS A 30 -7.37 -26.23 -3.44
CA HIS A 30 -7.00 -27.61 -3.14
C HIS A 30 -5.63 -27.93 -3.73
N ASN A 31 -4.85 -28.78 -3.04
CA ASN A 31 -3.50 -29.24 -3.41
C ASN A 31 -2.54 -28.05 -3.57
N LEU A 32 -2.33 -27.30 -2.46
CA LEU A 32 -1.48 -26.12 -2.39
C LEU A 32 -0.52 -26.22 -1.22
N ASP A 37 -4.31 -29.22 0.69
CA ASP A 37 -5.54 -30.01 0.66
C ASP A 37 -6.79 -29.12 0.55
N LYS A 38 -6.93 -28.14 1.47
CA LYS A 38 -8.05 -27.19 1.53
C LYS A 38 -7.50 -25.92 2.19
N MET A 39 -7.37 -24.86 1.40
CA MET A 39 -6.81 -23.60 1.91
C MET A 39 -7.62 -22.40 1.51
N LEU A 40 -7.84 -21.49 2.46
CA LEU A 40 -8.56 -20.25 2.21
C LEU A 40 -7.58 -19.29 1.48
N VAL A 41 -7.96 -18.82 0.28
CA VAL A 41 -7.13 -17.92 -0.55
C VAL A 41 -7.94 -16.75 -1.13
N ALA A 42 -7.25 -15.77 -1.71
CA ALA A 42 -7.86 -14.65 -2.39
C ALA A 42 -7.45 -14.80 -3.84
N VAL A 43 -8.41 -14.68 -4.76
CA VAL A 43 -8.17 -14.86 -6.18
C VAL A 43 -8.52 -13.60 -6.95
N LYS A 44 -7.56 -13.10 -7.71
CA LYS A 44 -7.76 -11.93 -8.53
C LYS A 44 -8.05 -12.42 -9.97
N ALA A 45 -9.21 -12.05 -10.52
CA ALA A 45 -9.64 -12.43 -11.87
C ALA A 45 -9.51 -11.24 -12.83
N LEU A 46 -8.70 -11.39 -13.89
CA LEU A 46 -8.52 -10.31 -14.88
C LEU A 46 -9.70 -10.25 -15.85
N ASP A 56 0.85 -6.77 -19.30
CA ASP A 56 1.28 -8.16 -19.25
C ASP A 56 0.92 -8.79 -17.91
N PHE A 57 0.35 -9.99 -17.99
CA PHE A 57 -0.09 -10.79 -16.85
C PHE A 57 1.11 -11.62 -16.35
N GLN A 58 1.86 -12.22 -17.30
CA GLN A 58 3.04 -13.05 -17.04
C GLN A 58 4.14 -12.29 -16.31
N ARG A 59 4.32 -10.98 -16.63
CA ARG A 59 5.34 -10.14 -16.01
C ARG A 59 5.00 -9.80 -14.55
N GLU A 60 3.72 -9.48 -14.26
CA GLU A 60 3.25 -9.15 -12.91
C GLU A 60 3.28 -10.41 -12.02
N ALA A 61 3.00 -11.58 -12.62
CA ALA A 61 3.01 -12.87 -11.93
C ALA A 61 4.45 -13.25 -11.62
N GLU A 62 5.39 -12.94 -12.54
CA GLU A 62 6.84 -13.21 -12.41
C GLU A 62 7.43 -12.44 -11.23
N LEU A 63 7.01 -11.17 -11.09
CA LEU A 63 7.41 -10.23 -10.04
C LEU A 63 6.96 -10.75 -8.69
N LEU A 64 5.67 -11.13 -8.58
CA LEU A 64 5.09 -11.65 -7.34
C LEU A 64 5.71 -12.98 -6.92
N THR A 65 6.16 -13.78 -7.90
CA THR A 65 6.82 -15.07 -7.67
C THR A 65 8.23 -14.82 -7.10
N MET A 66 8.96 -13.88 -7.71
CA MET A 66 10.32 -13.49 -7.36
C MET A 66 10.42 -12.89 -5.95
N LEU A 67 9.44 -12.05 -5.59
CA LEU A 67 9.44 -11.37 -4.30
C LEU A 67 8.91 -12.28 -3.19
N GLN A 68 9.65 -12.39 -2.09
CA GLN A 68 9.35 -13.26 -0.97
C GLN A 68 9.82 -12.58 0.31
N HIS A 69 8.87 -12.04 1.07
CA HIS A 69 9.18 -11.33 2.30
C HIS A 69 7.94 -11.32 3.18
N GLN A 70 8.11 -11.19 4.50
CA GLN A 70 7.02 -11.16 5.47
C GLN A 70 6.09 -9.96 5.26
N HIS A 71 6.57 -8.89 4.59
CA HIS A 71 5.70 -7.75 4.38
C HIS A 71 5.35 -7.51 2.91
N ILE A 72 5.35 -8.61 2.11
CA ILE A 72 4.93 -8.64 0.70
C ILE A 72 3.87 -9.75 0.70
N VAL A 73 2.67 -9.52 0.13
CA VAL A 73 1.60 -10.54 0.09
C VAL A 73 2.10 -11.87 -0.53
N ARG A 74 1.81 -13.00 0.16
CA ARG A 74 2.21 -14.32 -0.35
C ARG A 74 1.44 -14.61 -1.63
N PHE A 75 2.17 -15.03 -2.66
CA PHE A 75 1.62 -15.37 -3.97
C PHE A 75 1.75 -16.90 -4.16
N PHE A 76 0.67 -17.57 -4.58
CA PHE A 76 0.71 -19.03 -4.76
C PHE A 76 0.86 -19.45 -6.22
N GLY A 77 0.42 -18.60 -7.15
CA GLY A 77 0.51 -18.86 -8.58
C GLY A 77 -0.64 -18.35 -9.40
N VAL A 78 -0.71 -18.81 -10.67
CA VAL A 78 -1.75 -18.42 -11.63
C VAL A 78 -2.53 -19.61 -12.22
N CYS A 79 -3.61 -19.30 -12.93
CA CYS A 79 -4.45 -20.24 -13.63
C CYS A 79 -4.67 -19.64 -15.00
N THR A 80 -4.02 -20.23 -16.02
CA THR A 80 -4.08 -19.81 -17.41
C THR A 80 -4.91 -20.79 -18.26
N GLU A 81 -5.64 -21.72 -17.58
CA GLU A 81 -6.54 -22.71 -18.18
C GLU A 81 -7.83 -22.00 -18.67
N GLY A 82 -7.73 -21.35 -19.82
CA GLY A 82 -8.86 -20.64 -20.42
C GLY A 82 -9.03 -19.20 -20.01
N ARG A 83 -10.29 -18.84 -19.63
CA ARG A 83 -10.66 -17.48 -19.25
C ARG A 83 -11.69 -17.48 -18.09
N PRO A 84 -11.61 -16.52 -17.13
CA PRO A 84 -10.62 -15.43 -17.00
C PRO A 84 -9.29 -15.88 -16.39
N LEU A 85 -8.24 -15.06 -16.60
CA LEU A 85 -6.91 -15.32 -16.04
C LEU A 85 -7.02 -15.09 -14.52
N LEU A 86 -6.49 -16.01 -13.73
CA LEU A 86 -6.56 -15.92 -12.27
C LEU A 86 -5.21 -15.77 -11.63
N MET A 87 -5.17 -15.04 -10.49
CA MET A 87 -3.96 -14.84 -9.69
C MET A 87 -4.33 -15.28 -8.28
N VAL A 88 -3.57 -16.18 -7.68
CA VAL A 88 -3.87 -16.73 -6.35
C VAL A 88 -2.92 -16.17 -5.28
N PHE A 89 -3.50 -15.58 -4.22
CA PHE A 89 -2.74 -14.99 -3.11
C PHE A 89 -3.26 -15.50 -1.80
N GLU A 90 -2.53 -15.22 -0.72
CA GLU A 90 -3.00 -15.54 0.62
C GLU A 90 -4.15 -14.53 0.85
N TYR A 91 -5.13 -14.91 1.66
CA TYR A 91 -6.26 -14.08 1.99
C TYR A 91 -5.89 -13.08 3.13
N MET A 92 -6.12 -11.77 2.89
CA MET A 92 -5.80 -10.72 3.88
C MET A 92 -7.17 -10.19 4.31
N ARG A 93 -7.67 -10.72 5.42
CA ARG A 93 -8.98 -10.54 6.03
C ARG A 93 -9.50 -9.11 6.13
N HIS A 94 -8.65 -8.16 6.56
CA HIS A 94 -9.11 -6.78 6.74
C HIS A 94 -9.02 -5.89 5.50
N GLY A 95 -8.73 -6.48 4.32
CA GLY A 95 -8.69 -5.78 3.04
C GLY A 95 -7.62 -4.73 2.78
N ASP A 96 -7.90 -3.77 1.87
CA ASP A 96 -6.90 -2.74 1.54
C ASP A 96 -6.67 -1.76 2.72
N LEU A 97 -5.40 -1.38 2.91
CA LEU A 97 -5.00 -0.48 3.99
C LEU A 97 -5.70 0.91 3.95
N ASN A 98 -5.98 1.47 2.76
CA ASN A 98 -6.66 2.77 2.76
C ASN A 98 -8.03 2.73 3.42
N ARG A 99 -8.88 1.74 3.03
CA ARG A 99 -10.22 1.54 3.59
C ARG A 99 -10.10 1.18 5.05
N PHE A 100 -9.10 0.35 5.41
CA PHE A 100 -8.87 -0.01 6.80
C PHE A 100 -8.60 1.27 7.64
N LEU A 101 -7.74 2.21 7.15
CA LEU A 101 -7.43 3.44 7.90
C LEU A 101 -8.68 4.34 8.12
N ARG A 102 -9.46 4.53 7.04
CA ARG A 102 -10.66 5.34 6.98
C ARG A 102 -11.77 4.82 7.88
N SER A 103 -11.95 3.48 7.92
CA SER A 103 -12.99 2.85 8.74
C SER A 103 -12.58 2.67 10.20
N HIS A 104 -11.30 2.93 10.52
CA HIS A 104 -10.80 2.85 11.88
C HIS A 104 -10.19 4.20 12.31
N GLY A 105 -10.82 5.28 11.84
CA GLY A 105 -10.42 6.66 12.12
C GLY A 105 -11.23 7.33 13.23
N PRO A 106 -11.13 8.67 13.40
CA PRO A 106 -11.91 9.33 14.48
C PRO A 106 -13.43 9.09 14.45
N ASP A 107 -13.99 8.82 13.25
CA ASP A 107 -15.41 8.54 13.04
C ASP A 107 -15.68 7.02 12.78
N ALA A 108 -14.98 6.15 13.53
CA ALA A 108 -15.11 4.70 13.41
C ALA A 108 -16.28 4.13 14.21
N LYS A 109 -16.58 4.71 15.40
CA LYS A 109 -17.66 4.24 16.28
C LYS A 109 -19.05 4.47 15.71
N LEU A 110 -19.43 5.74 15.46
CA LEU A 110 -20.73 6.16 14.94
C LEU A 110 -21.09 5.62 13.55
N LEU A 111 -20.10 5.03 12.86
CA LEU A 111 -20.25 4.52 11.50
C LEU A 111 -20.08 3.00 11.38
N ALA A 112 -19.41 2.36 12.37
CA ALA A 112 -19.18 0.91 12.37
C ALA A 112 -20.44 0.11 12.67
N GLY A 113 -20.38 -1.18 12.38
CA GLY A 113 -21.46 -2.11 12.62
C GLY A 113 -21.56 -2.53 14.07
N GLY A 114 -22.67 -3.17 14.40
CA GLY A 114 -22.96 -3.66 15.74
C GLY A 114 -22.02 -4.74 16.23
N GLU A 115 -21.56 -5.63 15.33
CA GLU A 115 -20.65 -6.73 15.65
C GLU A 115 -19.17 -6.33 15.72
N ASP A 116 -18.81 -5.16 15.15
CA ASP A 116 -17.44 -4.63 15.09
C ASP A 116 -16.76 -4.48 16.46
N VAL A 117 -15.66 -5.23 16.65
CA VAL A 117 -14.85 -5.25 17.86
C VAL A 117 -14.17 -3.89 18.08
N ALA A 118 -14.34 -3.34 19.31
CA ALA A 118 -13.83 -2.04 19.79
C ALA A 118 -13.75 -0.97 18.67
N PRO A 119 -14.91 -0.44 18.21
CA PRO A 119 -14.86 0.61 17.17
C PRO A 119 -14.32 1.88 17.80
N GLY A 120 -13.46 2.54 17.05
CA GLY A 120 -12.79 3.76 17.48
C GLY A 120 -11.53 3.97 16.68
N PRO A 121 -10.84 5.10 16.86
CA PRO A 121 -9.64 5.33 16.06
C PRO A 121 -8.49 4.44 16.45
N LEU A 122 -7.61 4.17 15.48
CA LEU A 122 -6.41 3.40 15.74
C LEU A 122 -5.56 4.35 16.61
N GLY A 123 -4.91 3.80 17.63
CA GLY A 123 -4.06 4.60 18.49
C GLY A 123 -2.70 4.82 17.84
N LEU A 124 -1.84 5.65 18.47
CA LEU A 124 -0.50 5.98 17.97
C LEU A 124 0.35 4.73 17.78
N GLY A 125 0.28 3.79 18.73
CA GLY A 125 1.01 2.54 18.67
C GLY A 125 0.69 1.71 17.44
N GLN A 126 -0.61 1.60 17.11
CA GLN A 126 -1.08 0.84 15.94
C GLN A 126 -0.66 1.53 14.63
N LEU A 127 -0.75 2.90 14.57
CA LEU A 127 -0.36 3.68 13.39
C LEU A 127 1.14 3.51 13.09
N LEU A 128 1.98 3.51 14.13
CA LEU A 128 3.44 3.30 14.03
C LEU A 128 3.75 1.88 13.58
N ALA A 129 2.99 0.88 14.09
CA ALA A 129 3.21 -0.53 13.69
C ALA A 129 2.82 -0.71 12.22
N VAL A 130 1.77 0.00 11.75
CA VAL A 130 1.34 -0.07 10.36
C VAL A 130 2.48 0.54 9.48
N ALA A 131 2.99 1.71 9.89
CA ALA A 131 4.03 2.45 9.19
C ALA A 131 5.33 1.67 9.11
N SER A 132 5.70 1.04 10.23
CA SER A 132 6.90 0.25 10.30
C SER A 132 6.86 -1.00 9.41
N GLN A 133 5.69 -1.64 9.27
CA GLN A 133 5.58 -2.85 8.42
C GLN A 133 5.67 -2.51 6.92
N VAL A 134 5.07 -1.37 6.48
CA VAL A 134 5.15 -0.95 5.08
C VAL A 134 6.63 -0.62 4.79
N ALA A 135 7.32 0.11 5.72
CA ALA A 135 8.76 0.44 5.59
C ALA A 135 9.60 -0.81 5.49
N ALA A 136 9.30 -1.86 6.32
CA ALA A 136 10.03 -3.16 6.26
C ALA A 136 9.94 -3.78 4.86
N GLY A 137 8.77 -3.70 4.24
CA GLY A 137 8.57 -4.21 2.89
C GLY A 137 9.38 -3.40 1.88
N MET A 138 9.41 -2.08 2.07
CA MET A 138 10.18 -1.19 1.19
C MET A 138 11.68 -1.39 1.35
N VAL A 139 12.16 -1.71 2.58
CA VAL A 139 13.58 -2.01 2.86
C VAL A 139 13.99 -3.23 2.02
N TYR A 140 13.10 -4.26 1.98
CA TYR A 140 13.33 -5.48 1.22
C TYR A 140 13.44 -5.17 -0.26
N LEU A 141 12.47 -4.39 -0.81
CA LEU A 141 12.50 -4.01 -2.23
C LEU A 141 13.79 -3.22 -2.62
N ALA A 142 14.21 -2.23 -1.81
CA ALA A 142 15.42 -1.44 -2.08
C ALA A 142 16.72 -2.29 -2.05
N GLY A 143 16.73 -3.36 -1.26
CA GLY A 143 17.86 -4.27 -1.14
C GLY A 143 18.06 -5.10 -2.41
N LEU A 144 16.97 -5.30 -3.17
CA LEU A 144 16.95 -6.01 -4.44
C LEU A 144 17.08 -5.05 -5.61
N HIS A 145 17.21 -3.74 -5.32
CA HIS A 145 17.31 -2.64 -6.31
C HIS A 145 16.03 -2.65 -7.17
N PHE A 146 14.91 -2.94 -6.50
CA PHE A 146 13.60 -2.98 -7.10
C PHE A 146 12.90 -1.67 -6.76
N VAL A 147 12.32 -1.02 -7.77
CA VAL A 147 11.57 0.23 -7.66
C VAL A 147 10.10 -0.15 -7.82
N HIS A 148 9.27 0.23 -6.84
CA HIS A 148 7.83 -0.09 -6.83
C HIS A 148 7.06 0.79 -7.83
N ARG A 149 7.25 2.14 -7.73
CA ARG A 149 6.67 3.18 -8.61
C ARG A 149 5.24 3.56 -8.26
N ASP A 150 4.54 2.76 -7.44
CA ASP A 150 3.17 3.12 -7.08
C ASP A 150 2.86 2.78 -5.61
N LEU A 151 3.76 3.15 -4.71
CA LEU A 151 3.50 2.90 -3.31
C LEU A 151 2.45 3.87 -2.78
N ALA A 152 1.37 3.33 -2.18
CA ALA A 152 0.27 4.07 -1.59
C ALA A 152 -0.51 3.05 -0.75
N THR A 153 -1.24 3.51 0.29
CA THR A 153 -2.01 2.62 1.19
C THR A 153 -3.06 1.79 0.40
N ARG A 154 -3.59 2.31 -0.73
CA ARG A 154 -4.55 1.55 -1.56
C ARG A 154 -3.86 0.26 -2.13
N ASN A 155 -2.52 0.23 -2.23
CA ASN A 155 -1.79 -0.93 -2.76
C ASN A 155 -1.24 -1.83 -1.69
N CYS A 156 -1.65 -1.59 -0.42
CA CYS A 156 -1.25 -2.40 0.73
C CYS A 156 -2.49 -3.16 1.25
N LEU A 157 -2.24 -4.28 1.96
CA LEU A 157 -3.29 -5.13 2.52
C LEU A 157 -3.10 -5.32 4.01
N VAL A 158 -4.21 -5.57 4.73
CA VAL A 158 -4.20 -5.74 6.18
C VAL A 158 -4.83 -7.09 6.52
N GLY A 159 -4.09 -7.93 7.21
CA GLY A 159 -4.53 -9.25 7.65
C GLY A 159 -4.85 -9.22 9.11
N GLN A 160 -5.43 -10.31 9.65
CA GLN A 160 -5.78 -10.40 11.08
C GLN A 160 -4.56 -10.15 11.98
N GLY A 161 -4.77 -9.42 13.08
CA GLY A 161 -3.71 -9.10 14.02
C GLY A 161 -2.84 -7.94 13.56
N LEU A 162 -3.42 -7.01 12.77
CA LEU A 162 -2.73 -5.82 12.24
C LEU A 162 -1.44 -6.18 11.46
N VAL A 163 -1.50 -7.23 10.63
CA VAL A 163 -0.37 -7.65 9.79
C VAL A 163 -0.55 -6.83 8.51
N VAL A 164 0.48 -6.05 8.13
CA VAL A 164 0.40 -5.18 6.96
C VAL A 164 1.43 -5.58 5.91
N LYS A 165 0.97 -5.73 4.66
CA LYS A 165 1.86 -6.13 3.57
C LYS A 165 1.60 -5.33 2.30
N ILE A 166 2.63 -5.19 1.47
CA ILE A 166 2.50 -4.54 0.15
C ILE A 166 1.86 -5.64 -0.68
N GLY A 167 0.76 -5.35 -1.33
CA GLY A 167 0.06 -6.39 -2.08
C GLY A 167 0.04 -6.31 -3.58
N ASP A 168 0.32 -5.12 -4.14
CA ASP A 168 0.24 -4.86 -5.56
C ASP A 168 1.43 -4.03 -6.06
N PHE A 169 1.87 -4.33 -7.30
CA PHE A 169 2.95 -3.76 -8.11
C PHE A 169 2.43 -3.85 -9.55
N SER A 172 -4.07 -2.56 -11.14
CA SER A 172 -4.21 -1.28 -10.46
C SER A 172 -5.68 -0.90 -10.17
N ARG A 173 -5.87 -0.13 -9.09
CA ARG A 173 -7.15 0.33 -8.57
C ARG A 173 -6.97 1.70 -7.87
N ASP A 174 -8.08 2.34 -7.47
CA ASP A 174 -8.08 3.63 -6.76
C ASP A 174 -9.30 3.78 -5.83
N ILE A 175 -9.26 4.79 -4.93
CA ILE A 175 -10.37 5.07 -4.00
C ILE A 175 -11.22 6.13 -4.70
N TYR A 176 -10.58 7.26 -5.04
CA TYR A 176 -11.18 8.35 -5.79
C TYR A 176 -10.54 8.22 -7.17
N SER A 177 -11.27 8.58 -8.22
CA SER A 177 -10.71 8.47 -9.58
C SER A 177 -9.52 9.42 -9.76
N THR A 178 -9.47 10.49 -8.93
CA THR A 178 -8.43 11.52 -8.92
C THR A 178 -7.06 11.04 -8.39
N ASP A 179 -6.92 9.77 -7.95
CA ASP A 179 -5.62 9.23 -7.49
C ASP A 179 -4.62 9.13 -8.61
N TYR A 180 -5.12 9.03 -9.85
CA TYR A 180 -4.27 8.91 -11.03
C TYR A 180 -4.53 10.02 -12.02
N TYR A 181 -3.47 10.48 -12.66
CA TYR A 181 -3.57 11.54 -13.65
C TYR A 181 -3.12 11.01 -15.01
N ARG A 182 -3.92 11.28 -16.05
CA ARG A 182 -3.61 10.88 -17.42
C ARG A 182 -2.63 11.89 -18.04
N VAL A 183 -1.36 11.49 -18.17
CA VAL A 183 -0.30 12.35 -18.72
C VAL A 183 -0.20 12.26 -20.26
N THR A 187 -1.25 5.82 -20.11
CA THR A 187 -0.23 6.10 -19.11
C THR A 187 -0.83 6.99 -17.96
N MET A 188 -1.14 6.32 -16.83
CA MET A 188 -1.73 6.91 -15.63
C MET A 188 -0.65 7.10 -14.58
N LEU A 189 -0.54 8.31 -14.03
CA LEU A 189 0.48 8.54 -13.03
C LEU A 189 -0.09 8.93 -11.67
N PRO A 190 0.38 8.27 -10.56
CA PRO A 190 -0.10 8.63 -9.21
C PRO A 190 0.65 9.90 -8.72
N ILE A 191 0.44 11.04 -9.43
CA ILE A 191 1.16 12.30 -9.21
C ILE A 191 1.15 12.76 -7.71
N ARG A 192 0.06 12.56 -6.94
CA ARG A 192 0.04 13.00 -5.52
C ARG A 192 1.08 12.29 -4.65
N TRP A 193 1.56 11.10 -5.09
CA TRP A 193 2.55 10.29 -4.36
C TRP A 193 3.95 10.48 -4.90
N MET A 194 4.07 11.22 -5.98
CA MET A 194 5.34 11.37 -6.68
C MET A 194 6.18 12.63 -6.40
N PRO A 195 7.52 12.50 -6.38
CA PRO A 195 8.38 13.67 -6.23
C PRO A 195 8.47 14.47 -7.54
N PRO A 196 9.04 15.72 -7.52
CA PRO A 196 9.12 16.50 -8.78
C PRO A 196 9.84 15.84 -9.95
N GLU A 197 10.97 15.13 -9.74
CA GLU A 197 11.70 14.48 -10.86
C GLU A 197 10.87 13.39 -11.58
N SER A 198 9.96 12.68 -10.84
CA SER A 198 9.10 11.63 -11.41
C SER A 198 7.97 12.26 -12.23
N ILE A 199 7.36 13.32 -11.71
CA ILE A 199 6.27 14.03 -12.39
C ILE A 199 6.79 14.69 -13.67
N LEU A 200 7.95 15.34 -13.57
CA LEU A 200 8.50 16.08 -14.68
C LEU A 200 9.15 15.25 -15.76
N TYR A 201 9.99 14.26 -15.38
CA TYR A 201 10.78 13.44 -16.29
C TYR A 201 10.57 11.94 -16.23
N ARG A 202 9.61 11.45 -15.42
CA ARG A 202 9.37 10.01 -15.26
C ARG A 202 10.59 9.28 -14.78
N LYS A 203 11.36 9.96 -13.91
CA LYS A 203 12.57 9.40 -13.31
C LYS A 203 12.11 8.67 -12.03
N PHE A 204 12.07 7.34 -12.08
CA PHE A 204 11.64 6.44 -11.00
C PHE A 204 12.83 5.70 -10.47
N THR A 205 13.07 5.84 -9.16
CA THR A 205 14.21 5.24 -8.46
C THR A 205 13.80 4.84 -7.04
N THR A 206 14.70 4.21 -6.29
CA THR A 206 14.45 3.89 -4.88
C THR A 206 14.22 5.21 -4.07
N GLU A 207 14.76 6.38 -4.56
CA GLU A 207 14.59 7.73 -3.95
C GLU A 207 13.21 8.30 -4.23
N SER A 208 12.62 7.99 -5.40
CA SER A 208 11.24 8.42 -5.68
C SER A 208 10.28 7.55 -4.82
N ASP A 209 10.67 6.28 -4.53
CA ASP A 209 9.88 5.38 -3.66
C ASP A 209 9.93 5.86 -2.20
N VAL A 210 11.10 6.37 -1.74
CA VAL A 210 11.18 6.86 -0.35
C VAL A 210 10.27 8.11 -0.18
N TRP A 211 10.16 8.94 -1.24
CA TRP A 211 9.29 10.10 -1.25
C TRP A 211 7.83 9.61 -1.12
N SER A 212 7.44 8.59 -1.89
CA SER A 212 6.09 8.00 -1.84
C SER A 212 5.83 7.42 -0.45
N PHE A 213 6.89 6.87 0.19
CA PHE A 213 6.75 6.33 1.55
C PHE A 213 6.39 7.49 2.53
N GLY A 214 7.02 8.66 2.34
CA GLY A 214 6.72 9.83 3.17
C GLY A 214 5.25 10.21 3.01
N VAL A 215 4.75 10.12 1.75
CA VAL A 215 3.32 10.38 1.46
C VAL A 215 2.42 9.30 2.12
N VAL A 216 2.86 8.01 2.13
CA VAL A 216 2.12 6.90 2.79
C VAL A 216 2.00 7.19 4.30
N LEU A 217 3.10 7.68 4.91
CA LEU A 217 3.10 8.09 6.33
C LEU A 217 2.02 9.13 6.57
N TRP A 218 1.89 10.11 5.62
CA TRP A 218 0.89 11.17 5.69
C TRP A 218 -0.52 10.54 5.60
N GLU A 219 -0.69 9.56 4.70
CA GLU A 219 -1.98 8.84 4.58
C GLU A 219 -2.31 8.11 5.89
N ILE A 220 -1.33 7.44 6.49
CA ILE A 220 -1.53 6.69 7.74
C ILE A 220 -1.99 7.63 8.86
N PHE A 221 -1.27 8.73 9.06
CA PHE A 221 -1.54 9.67 10.14
C PHE A 221 -2.73 10.61 9.89
N THR A 222 -3.36 10.62 8.68
CA THR A 222 -4.59 11.40 8.43
C THR A 222 -5.76 10.38 8.39
N TYR A 223 -5.50 9.07 8.70
CA TYR A 223 -6.49 7.98 8.64
C TYR A 223 -7.02 7.78 7.23
N GLY A 224 -6.10 7.78 6.27
CA GLY A 224 -6.40 7.52 4.87
C GLY A 224 -6.87 8.65 3.98
N LYS A 225 -6.63 9.91 4.35
CA LYS A 225 -7.06 11.02 3.48
C LYS A 225 -6.20 11.03 2.21
N GLN A 226 -6.78 11.52 1.12
CA GLN A 226 -6.05 11.63 -0.14
C GLN A 226 -5.10 12.82 -0.01
N PRO A 227 -3.81 12.64 -0.38
CA PRO A 227 -2.86 13.76 -0.33
C PRO A 227 -3.30 14.85 -1.30
N TRP A 228 -3.29 16.14 -0.85
CA TRP A 228 -3.69 17.28 -1.69
C TRP A 228 -5.16 17.17 -2.11
N TYR A 229 -6.02 16.59 -1.24
CA TYR A 229 -7.45 16.38 -1.52
C TYR A 229 -8.20 17.63 -1.99
N GLN A 230 -7.78 18.81 -1.50
CA GLN A 230 -8.35 20.13 -1.80
C GLN A 230 -8.04 20.53 -3.24
N LEU A 231 -7.05 19.87 -3.87
CA LEU A 231 -6.61 20.19 -5.22
C LEU A 231 -6.92 19.18 -6.30
N SER A 232 -6.99 19.68 -7.55
CA SER A 232 -7.17 18.84 -8.74
C SER A 232 -5.75 18.32 -9.05
N ASN A 233 -5.62 17.31 -9.92
CA ASN A 233 -4.29 16.81 -10.23
C ASN A 233 -3.35 17.84 -10.88
N THR A 234 -3.88 18.78 -11.71
CA THR A 234 -3.04 19.80 -12.37
C THR A 234 -2.53 20.82 -11.33
N GLU A 235 -3.36 21.19 -10.35
CA GLU A 235 -2.99 22.09 -9.25
C GLU A 235 -1.98 21.35 -8.36
N ALA A 236 -2.18 20.02 -8.11
CA ALA A 236 -1.22 19.24 -7.28
C ALA A 236 0.12 19.16 -7.98
N ILE A 237 0.15 18.96 -9.33
CA ILE A 237 1.44 18.94 -10.08
C ILE A 237 2.18 20.28 -9.85
N ASP A 238 1.45 21.42 -9.96
CA ASP A 238 2.05 22.75 -9.77
CA ASP A 238 2.05 22.75 -9.77
C ASP A 238 2.56 22.93 -8.34
N CYS A 239 1.77 22.55 -7.34
CA CYS A 239 2.18 22.68 -5.94
C CYS A 239 3.43 21.80 -5.65
N ILE A 240 3.41 20.52 -6.09
CA ILE A 240 4.53 19.61 -5.86
C ILE A 240 5.83 20.12 -6.53
N THR A 241 5.79 20.42 -7.83
CA THR A 241 6.99 20.89 -8.55
C THR A 241 7.51 22.23 -7.97
N GLN A 242 6.63 23.09 -7.43
CA GLN A 242 7.02 24.37 -6.80
C GLN A 242 7.66 24.17 -5.40
N GLY A 243 7.53 22.96 -4.83
CA GLY A 243 8.12 22.63 -3.55
C GLY A 243 7.20 22.69 -2.34
N ARG A 244 5.87 22.75 -2.55
CA ARG A 244 4.91 22.81 -1.46
C ARG A 244 4.89 21.50 -0.66
N GLU A 245 4.80 21.62 0.64
CA GLU A 245 4.82 20.45 1.50
C GLU A 245 3.45 20.17 2.10
N LEU A 246 3.08 18.88 2.20
CA LEU A 246 1.81 18.50 2.83
C LEU A 246 1.89 18.94 4.30
N GLU A 247 0.81 19.45 4.87
CA GLU A 247 0.74 19.93 6.27
C GLU A 247 0.82 18.78 7.25
N ARG A 248 1.29 19.06 8.48
CA ARG A 248 1.35 18.01 9.49
C ARG A 248 -0.05 17.58 9.91
N PRO A 249 -0.37 16.28 9.82
CA PRO A 249 -1.70 15.83 10.26
C PRO A 249 -1.87 16.05 11.76
N ARG A 250 -3.10 16.35 12.19
CA ARG A 250 -3.54 16.55 13.58
C ARG A 250 -3.03 15.41 14.48
N ALA A 251 -3.17 14.13 14.03
CA ALA A 251 -2.74 12.95 14.82
C ALA A 251 -1.24 12.61 14.64
N CYS A 252 -0.51 13.39 13.84
CA CYS A 252 0.90 13.09 13.63
C CYS A 252 1.84 13.75 14.68
N PRO A 253 2.59 12.96 15.50
CA PRO A 253 3.55 13.59 16.45
C PRO A 253 4.65 14.34 15.67
N PRO A 254 5.26 15.42 16.23
CA PRO A 254 6.32 16.15 15.48
C PRO A 254 7.47 15.28 14.99
N GLU A 255 7.86 14.26 15.76
CA GLU A 255 8.93 13.36 15.36
C GLU A 255 8.56 12.53 14.11
N VAL A 256 7.27 12.22 13.90
CA VAL A 256 6.86 11.45 12.70
C VAL A 256 6.88 12.40 11.48
N TYR A 257 6.47 13.67 11.67
CA TYR A 257 6.45 14.68 10.62
C TYR A 257 7.88 14.98 10.16
N ALA A 258 8.86 14.95 11.10
CA ALA A 258 10.29 15.14 10.78
C ALA A 258 10.75 13.97 9.86
N ILE A 259 10.27 12.74 10.10
CA ILE A 259 10.59 11.57 9.24
C ILE A 259 9.98 11.83 7.84
N MET A 260 8.74 12.36 7.76
CA MET A 260 8.11 12.65 6.46
C MET A 260 8.99 13.66 5.68
N ARG A 261 9.41 14.75 6.36
CA ARG A 261 10.26 15.81 5.78
C ARG A 261 11.61 15.24 5.30
N GLY A 262 12.12 14.23 5.99
CA GLY A 262 13.35 13.55 5.58
C GLY A 262 13.18 12.82 4.26
N CYS A 263 11.95 12.28 4.00
CA CYS A 263 11.62 11.54 2.75
C CYS A 263 11.38 12.54 1.61
N TRP A 264 11.03 13.78 1.96
CA TRP A 264 10.65 14.82 1.03
C TRP A 264 11.72 15.85 0.68
N GLN A 265 13.01 15.51 0.83
CA GLN A 265 14.07 16.46 0.45
C GLN A 265 13.96 16.61 -1.08
N ARG A 266 14.10 17.86 -1.60
CA ARG A 266 13.98 18.12 -3.02
C ARG A 266 14.94 17.27 -3.86
N GLU A 267 16.21 17.22 -3.50
CA GLU A 267 17.20 16.44 -4.23
C GLU A 267 17.07 14.97 -3.83
N PRO A 268 16.88 14.06 -4.82
CA PRO A 268 16.76 12.61 -4.51
C PRO A 268 17.86 12.04 -3.62
N GLN A 269 19.14 12.40 -3.86
CA GLN A 269 20.29 11.93 -3.06
C GLN A 269 20.33 12.45 -1.58
N GLN A 270 19.57 13.51 -1.28
CA GLN A 270 19.49 14.09 0.07
C GLN A 270 18.41 13.43 0.93
N ARG A 271 17.50 12.66 0.31
CA ARG A 271 16.42 11.98 1.03
C ARG A 271 16.97 10.88 1.92
N HIS A 272 16.35 10.68 3.11
CA HIS A 272 16.77 9.60 4.03
C HIS A 272 16.63 8.23 3.36
N SER A 273 17.49 7.26 3.72
CA SER A 273 17.34 5.93 3.12
C SER A 273 16.13 5.25 3.80
N ILE A 274 15.48 4.28 3.13
CA ILE A 274 14.35 3.54 3.68
C ILE A 274 14.79 2.73 4.92
N LYS A 275 16.07 2.28 4.95
CA LYS A 275 16.61 1.54 6.10
C LYS A 275 16.61 2.42 7.35
N ASP A 276 17.03 3.71 7.23
CA ASP A 276 17.04 4.64 8.37
C ASP A 276 15.63 5.02 8.77
N VAL A 277 14.73 5.25 7.77
CA VAL A 277 13.33 5.57 8.02
C VAL A 277 12.71 4.40 8.84
N HIS A 278 12.89 3.15 8.37
CA HIS A 278 12.38 1.97 9.07
C HIS A 278 12.92 1.87 10.51
N ALA A 279 14.26 2.05 10.68
CA ALA A 279 14.91 2.00 12.00
C ALA A 279 14.30 3.05 12.93
N ARG A 280 14.06 4.26 12.43
CA ARG A 280 13.46 5.32 13.25
C ARG A 280 11.98 5.02 13.61
N LEU A 281 11.21 4.45 12.68
CA LEU A 281 9.81 4.07 12.94
C LEU A 281 9.74 2.96 13.99
N GLN A 282 10.65 1.98 13.88
CA GLN A 282 10.81 0.85 14.82
C GLN A 282 11.20 1.35 16.23
N ALA A 283 12.11 2.33 16.34
CA ALA A 283 12.52 2.94 17.61
C ALA A 283 11.33 3.65 18.28
N LEU A 284 10.56 4.44 17.50
CA LEU A 284 9.39 5.15 18.02
C LEU A 284 8.29 4.15 18.45
N ALA A 285 8.09 3.08 17.67
CA ALA A 285 7.09 2.06 17.96
C ALA A 285 7.47 1.33 19.29
N GLN A 286 8.77 1.02 19.48
CA GLN A 286 9.29 0.34 20.68
C GLN A 286 9.18 1.22 21.94
N ALA A 287 9.39 2.54 21.79
CA ALA A 287 9.29 3.51 22.88
C ALA A 287 7.84 3.73 23.33
N HIS A 288 6.86 3.45 22.45
CA HIS A 288 5.44 3.63 22.73
C HIS A 288 4.69 2.33 23.17
N HIS A 289 5.28 1.13 22.96
CA HIS A 289 4.66 -0.18 23.27
C HIS A 289 4.01 -0.30 24.64
N HIS A 290 4.70 0.18 25.68
CA HIS A 290 4.20 0.08 27.04
C HIS A 290 3.41 1.30 27.50
N HIS A 291 3.11 2.23 26.58
CA HIS A 291 2.36 3.45 26.88
C HIS A 291 1.21 3.67 25.90
#